data_7TV4
#
_entry.id   7TV4
#
_cell.length_a   55.950
_cell.length_b   69.560
_cell.length_c   180.050
_cell.angle_alpha   90.000
_cell.angle_beta   90.000
_cell.angle_gamma   90.000
#
_symmetry.space_group_name_H-M   'P 2 21 21'
#
loop_
_entity.id
_entity.type
_entity.pdbx_description
1 polymer 'NF-kappa-B essential modulator'
2 polymer Polyubiquitin-C
3 polymer 'E3 ubiquitin-protein ligase RNF31'
4 non-polymer 'ZINC ION'
5 water water
#
loop_
_entity_poly.entity_id
_entity_poly.type
_entity_poly.pdbx_seq_one_letter_code
_entity_poly.pdbx_strand_id
1 'polypeptide(L)'
;GPLGSPEFGMQLEDLKQQLQQAEEALVAKQEVIDKLKEEAEQHKIVMETVPVLKAQADIYKADFQAERQAREKLAEKKEL
LQEQLEQLQREYSKLKAS
;
B,D
2 'polypeptide(L)'
;GSGSMQIFVKTLTGKTITLEVEPSDTIENVKAKIQDKEGIPPDQQRLIFAGKQLEDGRTLSDYNIQKESTLHLVLRLRGG
MQIFVKTLTGKTITLEVEPSDTIENVKAKIQDKEGIPPDQQRLIFAGKQLEDGRTLSDYNIQKESTLHLVLRLRGG
;
C,G
3 'polypeptide(L)' GPLGSARGRWACQSCTFENEAAAVLCSICERPRLA K
#
loop_
_chem_comp.id
_chem_comp.type
_chem_comp.name
_chem_comp.formula
ZN non-polymer 'ZINC ION' 'Zn 2'
#
# COMPACT_ATOMS: atom_id res chain seq x y z
N LEU A 12 -10.94 62.05 -28.26
CA LEU A 12 -9.47 61.74 -28.23
C LEU A 12 -8.84 62.17 -26.88
N GLU A 13 -9.50 61.87 -25.76
CA GLU A 13 -8.87 61.73 -24.41
C GLU A 13 -9.10 60.29 -23.94
N ASP A 14 -10.29 59.75 -24.19
CA ASP A 14 -10.65 58.35 -23.88
C ASP A 14 -9.79 57.39 -24.71
N LEU A 15 -9.55 57.70 -26.01
CA LEU A 15 -8.77 56.84 -26.97
C LEU A 15 -7.39 56.53 -26.39
N LYS A 16 -6.69 57.54 -25.85
CA LYS A 16 -5.37 57.39 -25.19
C LYS A 16 -5.55 56.68 -23.83
N GLN A 17 -6.38 57.24 -22.94
CA GLN A 17 -6.75 56.70 -21.60
C GLN A 17 -7.05 55.19 -21.70
N GLN A 18 -7.63 54.73 -22.81
CA GLN A 18 -8.01 53.30 -23.05
C GLN A 18 -6.86 52.48 -23.66
N LEU A 19 -5.90 53.08 -24.39
CA LEU A 19 -4.69 52.32 -24.83
C LEU A 19 -3.73 52.15 -23.63
N GLN A 20 -3.88 52.96 -22.58
CA GLN A 20 -3.11 52.85 -21.30
C GLN A 20 -3.85 51.93 -20.32
N GLN A 21 -5.17 51.79 -20.48
CA GLN A 21 -6.00 50.83 -19.70
C GLN A 21 -5.90 49.45 -20.35
N ALA A 22 -5.80 49.41 -21.68
CA ALA A 22 -5.71 48.17 -22.49
C ALA A 22 -4.48 47.38 -22.06
N GLU A 23 -3.31 48.02 -21.99
CA GLU A 23 -2.01 47.31 -21.74
C GLU A 23 -1.74 47.20 -20.24
N GLU A 24 -2.40 48.00 -19.40
CA GLU A 24 -2.47 47.72 -17.94
C GLU A 24 -3.15 46.36 -17.73
N ALA A 25 -4.06 45.99 -18.64
CA ALA A 25 -4.79 44.70 -18.63
C ALA A 25 -3.93 43.57 -19.21
N LEU A 26 -3.10 43.84 -20.23
CA LEU A 26 -2.32 42.78 -20.94
C LEU A 26 -1.04 42.46 -20.17
N VAL A 27 -0.56 43.39 -19.36
CA VAL A 27 0.44 43.04 -18.30
C VAL A 27 -0.27 42.10 -17.32
N ALA A 28 -1.43 42.52 -16.78
CA ALA A 28 -2.19 41.82 -15.72
C ALA A 28 -2.47 40.36 -16.11
N LYS A 29 -2.92 40.15 -17.34
CA LYS A 29 -3.36 38.82 -17.83
C LYS A 29 -2.12 37.97 -18.21
N GLN A 30 -0.96 38.60 -18.47
CA GLN A 30 0.34 37.90 -18.62
C GLN A 30 0.71 37.32 -17.25
N GLU A 31 0.83 38.18 -16.24
CA GLU A 31 1.22 37.81 -14.85
C GLU A 31 0.40 36.60 -14.36
N VAL A 32 -0.90 36.57 -14.66
CA VAL A 32 -1.81 35.43 -14.30
C VAL A 32 -1.39 34.20 -15.12
N ILE A 33 -1.10 34.37 -16.40
CA ILE A 33 -0.69 33.24 -17.30
C ILE A 33 0.64 32.68 -16.79
N ASP A 34 1.51 33.52 -16.21
CA ASP A 34 2.82 33.09 -15.62
C ASP A 34 2.55 32.13 -14.45
N LYS A 35 1.58 32.46 -13.59
CA LYS A 35 1.29 31.71 -12.34
C LYS A 35 0.51 30.43 -12.62
N LEU A 36 -0.20 30.36 -13.75
CA LEU A 36 -0.88 29.12 -14.21
C LEU A 36 0.18 28.18 -14.79
N LYS A 37 1.19 28.71 -15.50
CA LYS A 37 2.30 27.90 -16.10
C LYS A 37 3.19 27.37 -14.97
N GLU A 38 3.83 28.26 -14.22
CA GLU A 38 4.56 27.95 -12.95
C GLU A 38 3.82 26.81 -12.24
N GLU A 39 2.57 27.04 -11.82
CA GLU A 39 1.65 26.02 -11.24
C GLU A 39 1.73 24.73 -12.06
N ALA A 40 1.22 24.74 -13.29
CA ALA A 40 1.12 23.54 -14.15
C ALA A 40 2.36 22.67 -13.93
N GLU A 41 3.54 23.30 -13.86
CA GLU A 41 4.85 22.64 -13.64
C GLU A 41 4.81 21.80 -12.35
N GLN A 42 4.51 22.45 -11.23
CA GLN A 42 4.44 21.84 -9.88
C GLN A 42 3.39 20.73 -9.89
N HIS A 43 2.20 21.03 -10.42
CA HIS A 43 1.14 20.02 -10.69
C HIS A 43 1.82 18.76 -11.24
N LYS A 44 2.66 18.92 -12.27
CA LYS A 44 3.32 17.80 -12.98
C LYS A 44 4.28 17.05 -12.04
N ILE A 45 4.95 17.75 -11.11
CA ILE A 45 5.91 17.11 -10.15
C ILE A 45 5.14 16.36 -9.05
N VAL A 46 3.86 16.65 -8.87
CA VAL A 46 2.98 15.82 -8.00
C VAL A 46 2.47 14.62 -8.81
N MET A 47 2.31 14.77 -10.14
CA MET A 47 1.81 13.69 -11.04
C MET A 47 2.89 12.63 -11.26
N GLU A 48 4.15 12.89 -10.92
CA GLU A 48 5.25 11.91 -11.13
C GLU A 48 5.27 10.93 -9.95
N THR A 49 4.88 11.40 -8.76
CA THR A 49 4.77 10.53 -7.56
C THR A 49 3.78 9.40 -7.85
N VAL A 50 2.66 9.65 -8.54
CA VAL A 50 1.54 8.65 -8.64
C VAL A 50 2.05 7.35 -9.24
N PRO A 51 2.72 7.32 -10.42
CA PRO A 51 3.38 6.08 -10.87
C PRO A 51 4.08 5.29 -9.78
N VAL A 52 4.78 5.98 -8.87
CA VAL A 52 5.57 5.37 -7.75
C VAL A 52 4.64 4.81 -6.68
N LEU A 53 3.65 5.59 -6.25
CA LEU A 53 2.72 5.20 -5.16
C LEU A 53 1.89 3.99 -5.62
N LYS A 54 1.54 3.91 -6.91
CA LYS A 54 0.75 2.79 -7.48
C LYS A 54 1.57 1.49 -7.40
N ALA A 55 2.89 1.60 -7.54
CA ALA A 55 3.84 0.50 -7.27
C ALA A 55 3.82 0.22 -5.77
N GLN A 56 4.26 1.19 -4.95
CA GLN A 56 4.35 1.05 -3.48
C GLN A 56 3.22 0.15 -2.99
N ALA A 57 1.98 0.48 -3.36
CA ALA A 57 0.79 -0.34 -3.07
C ALA A 57 1.12 -1.77 -3.45
N ASP A 58 1.35 -2.02 -4.74
CA ASP A 58 1.45 -3.37 -5.34
C ASP A 58 2.66 -4.12 -4.74
N ILE A 59 3.71 -3.44 -4.26
CA ILE A 59 4.83 -4.10 -3.54
C ILE A 59 4.29 -4.60 -2.21
N TYR A 60 3.87 -3.67 -1.36
CA TYR A 60 3.34 -3.93 0.00
C TYR A 60 2.34 -5.09 -0.10
N LYS A 61 1.43 -5.02 -1.07
CA LYS A 61 0.49 -6.13 -1.40
C LYS A 61 1.33 -7.40 -1.54
N ALA A 62 2.01 -7.59 -2.67
CA ALA A 62 2.72 -8.84 -3.03
C ALA A 62 3.49 -9.36 -1.81
N ASP A 63 3.95 -8.44 -0.95
CA ASP A 63 4.65 -8.78 0.31
C ASP A 63 3.63 -9.41 1.28
N PHE A 64 2.59 -8.68 1.69
CA PHE A 64 1.50 -9.24 2.55
C PHE A 64 1.17 -10.65 2.07
N GLN A 65 1.06 -10.83 0.75
CA GLN A 65 0.88 -12.16 0.14
C GLN A 65 2.04 -13.05 0.63
N ALA A 66 3.25 -12.87 0.11
CA ALA A 66 4.40 -13.77 0.37
C ALA A 66 4.50 -14.10 1.87
N GLU A 67 4.03 -13.19 2.74
CA GLU A 67 3.90 -13.39 4.22
C GLU A 67 2.73 -14.34 4.50
N ARG A 68 1.56 -14.11 3.90
CA ARG A 68 0.42 -15.07 3.99
C ARG A 68 0.96 -16.46 3.68
N GLN A 69 1.55 -16.65 2.51
CA GLN A 69 2.04 -17.97 2.03
C GLN A 69 2.86 -18.61 3.15
N ALA A 70 3.78 -17.87 3.76
CA ALA A 70 4.57 -18.34 4.91
C ALA A 70 3.61 -18.89 5.97
N ARG A 71 2.60 -18.12 6.36
CA ARG A 71 1.66 -18.46 7.46
C ARG A 71 0.77 -19.62 7.03
N GLU A 72 0.25 -19.57 5.80
CA GLU A 72 -0.46 -20.70 5.15
C GLU A 72 0.30 -22.00 5.51
N LYS A 73 1.58 -22.09 5.14
CA LYS A 73 2.39 -23.34 5.20
C LYS A 73 2.69 -23.72 6.65
N LEU A 74 3.04 -22.76 7.50
CA LEU A 74 3.34 -23.06 8.92
C LEU A 74 2.23 -23.96 9.49
N ALA A 75 0.97 -23.53 9.41
CA ALA A 75 -0.19 -24.31 9.92
C ALA A 75 -0.01 -25.78 9.53
N GLU A 76 0.52 -26.06 8.33
CA GLU A 76 0.89 -27.44 7.91
C GLU A 76 1.71 -28.09 9.03
N LYS A 77 2.91 -27.57 9.31
CA LYS A 77 3.76 -28.06 10.42
C LYS A 77 2.88 -28.32 11.65
N LYS A 78 1.86 -27.48 11.92
CA LYS A 78 1.14 -27.42 13.23
C LYS A 78 0.12 -28.56 13.44
N GLU A 79 -0.67 -28.97 12.45
CA GLU A 79 -1.45 -30.24 12.59
C GLU A 79 -0.41 -31.38 12.71
N LEU A 80 0.59 -31.40 11.80
CA LEU A 80 1.73 -32.37 11.79
C LEU A 80 2.31 -32.58 13.20
N LEU A 81 2.36 -31.51 14.01
CA LEU A 81 2.80 -31.58 15.43
C LEU A 81 1.64 -32.11 16.30
N GLN A 82 0.49 -31.43 16.32
CA GLN A 82 -0.68 -31.85 17.13
C GLN A 82 -0.99 -33.33 16.88
N GLU A 83 -0.84 -33.80 15.63
CA GLU A 83 -1.10 -35.19 15.14
C GLU A 83 -0.01 -36.16 15.64
N GLN A 84 1.26 -35.75 15.66
CA GLN A 84 2.39 -36.55 16.23
C GLN A 84 2.20 -36.67 17.75
N LEU A 85 1.49 -35.73 18.39
CA LEU A 85 1.22 -35.70 19.87
C LEU A 85 -0.13 -36.34 20.20
N GLU A 86 -0.97 -36.64 19.21
CA GLU A 86 -2.12 -37.58 19.38
C GLU A 86 -1.60 -39.02 19.20
N GLN A 87 -0.45 -39.19 18.53
CA GLN A 87 0.21 -40.50 18.24
C GLN A 87 1.04 -40.96 19.44
N LEU A 88 1.84 -40.04 20.00
CA LEU A 88 2.77 -40.31 21.14
C LEU A 88 1.99 -40.28 22.48
N GLN A 89 0.82 -39.61 22.55
CA GLN A 89 -0.04 -39.51 23.78
C GLN A 89 -0.65 -40.89 24.10
N ARG A 90 -1.12 -41.63 23.08
CA ARG A 90 -1.64 -43.02 23.25
C ARG A 90 -0.45 -43.98 23.07
N GLU A 91 0.51 -43.93 24.00
CA GLU A 91 1.73 -44.80 24.04
C GLU A 91 1.30 -46.28 24.06
N TYR A 92 0.11 -46.57 24.60
CA TYR A 92 -0.63 -47.87 24.49
C TYR A 92 -2.07 -47.70 25.00
N GLN B 6 -28.15 10.56 -1.27
CA GLN B 6 -27.39 11.54 -0.44
C GLN B 6 -25.95 11.67 -0.97
N ILE B 7 -25.15 10.58 -0.93
CA ILE B 7 -23.66 10.59 -1.09
C ILE B 7 -23.14 9.44 -1.97
N PHE B 8 -21.99 9.67 -2.62
CA PHE B 8 -21.38 8.80 -3.65
C PHE B 8 -20.15 8.08 -3.07
N VAL B 9 -19.75 6.96 -3.69
CA VAL B 9 -18.61 6.08 -3.25
C VAL B 9 -17.94 5.41 -4.47
N LYS B 10 -16.62 5.61 -4.65
CA LYS B 10 -15.78 4.93 -5.67
C LYS B 10 -14.91 3.85 -5.03
N THR B 11 -14.54 2.86 -5.84
CA THR B 11 -13.82 1.62 -5.43
C THR B 11 -12.50 1.56 -6.19
N LEU B 12 -11.53 2.39 -5.79
CA LEU B 12 -10.14 2.43 -6.31
C LEU B 12 -10.16 2.58 -7.84
N THR B 13 -10.89 3.58 -8.34
CA THR B 13 -11.14 3.80 -9.80
C THR B 13 -11.62 2.49 -10.43
N GLY B 14 -12.45 1.74 -9.69
CA GLY B 14 -13.36 0.73 -10.24
C GLY B 14 -14.77 1.28 -10.23
N LYS B 15 -15.70 0.50 -9.66
CA LYS B 15 -17.15 0.82 -9.63
C LYS B 15 -17.40 2.15 -8.91
N THR B 16 -18.53 2.80 -9.24
CA THR B 16 -19.17 3.88 -8.45
C THR B 16 -20.46 3.32 -7.83
N ILE B 17 -20.76 3.71 -6.59
CA ILE B 17 -22.06 3.43 -5.90
C ILE B 17 -22.61 4.79 -5.46
N THR B 18 -23.86 4.81 -4.98
CA THR B 18 -24.49 5.95 -4.24
C THR B 18 -25.37 5.36 -3.13
N LEU B 19 -25.60 6.09 -2.05
CA LEU B 19 -26.34 5.59 -0.85
C LEU B 19 -27.34 6.63 -0.34
N GLU B 20 -28.42 6.16 0.29
CA GLU B 20 -29.26 6.97 1.23
C GLU B 20 -28.76 6.67 2.64
N VAL B 21 -28.27 7.71 3.33
CA VAL B 21 -28.10 7.80 4.81
C VAL B 21 -28.30 9.28 5.19
N GLU B 22 -29.27 9.58 6.05
CA GLU B 22 -29.42 10.96 6.60
C GLU B 22 -28.23 11.19 7.54
N PRO B 23 -27.39 12.21 7.26
CA PRO B 23 -26.00 12.19 7.69
C PRO B 23 -25.72 12.52 9.17
N SER B 24 -26.55 12.06 10.10
CA SER B 24 -26.19 11.92 11.54
C SER B 24 -25.91 10.44 11.81
N ASP B 25 -25.58 9.73 10.73
CA ASP B 25 -25.49 8.25 10.63
C ASP B 25 -24.06 7.83 11.00
N THR B 26 -23.91 6.62 11.55
CA THR B 26 -22.65 6.11 12.14
C THR B 26 -21.85 5.32 11.10
N ILE B 27 -20.52 5.41 11.19
CA ILE B 27 -19.57 4.79 10.23
C ILE B 27 -19.88 3.29 10.09
N GLU B 28 -20.06 2.54 11.17
CA GLU B 28 -20.32 1.07 11.09
C GLU B 28 -21.61 0.83 10.29
N ASN B 29 -22.61 1.69 10.49
CA ASN B 29 -23.95 1.59 9.84
C ASN B 29 -23.92 2.29 8.46
N VAL B 30 -22.78 2.90 8.08
CA VAL B 30 -22.48 3.28 6.67
C VAL B 30 -21.91 2.05 5.97
N LYS B 31 -20.88 1.44 6.56
CA LYS B 31 -20.15 0.25 6.01
C LYS B 31 -21.16 -0.88 5.77
N ALA B 32 -22.14 -1.02 6.65
CA ALA B 32 -23.20 -2.05 6.61
C ALA B 32 -24.11 -1.83 5.39
N LYS B 33 -24.47 -0.57 5.11
CA LYS B 33 -25.28 -0.18 3.92
C LYS B 33 -24.43 -0.33 2.66
N ILE B 34 -23.11 -0.55 2.79
CA ILE B 34 -22.20 -0.95 1.67
C ILE B 34 -22.19 -2.47 1.54
N GLN B 35 -22.10 -3.20 2.66
CA GLN B 35 -22.13 -4.69 2.68
C GLN B 35 -23.48 -5.17 2.17
N ASP B 36 -24.52 -4.34 2.27
CA ASP B 36 -25.82 -4.54 1.59
C ASP B 36 -25.61 -4.52 0.08
N LYS B 37 -25.02 -3.45 -0.43
CA LYS B 37 -24.90 -3.16 -1.89
C LYS B 37 -23.94 -4.15 -2.52
N GLU B 38 -22.80 -4.43 -1.86
CA GLU B 38 -21.62 -5.05 -2.50
C GLU B 38 -21.18 -6.35 -1.78
N GLY B 39 -21.83 -6.73 -0.67
CA GLY B 39 -21.56 -7.98 0.07
C GLY B 39 -20.12 -8.13 0.54
N ILE B 40 -19.34 -7.04 0.58
CA ILE B 40 -17.94 -7.01 1.10
C ILE B 40 -18.01 -6.84 2.61
N PRO B 41 -17.49 -7.78 3.43
CA PRO B 41 -17.71 -7.75 4.87
C PRO B 41 -17.16 -6.48 5.53
N PRO B 42 -17.88 -5.91 6.52
CA PRO B 42 -17.46 -4.66 7.16
C PRO B 42 -15.95 -4.57 7.34
N ASP B 43 -15.38 -5.49 8.11
CA ASP B 43 -13.97 -5.47 8.54
C ASP B 43 -13.02 -5.29 7.34
N GLN B 44 -13.46 -5.64 6.11
CA GLN B 44 -12.59 -5.68 4.90
C GLN B 44 -12.75 -4.42 4.03
N GLN B 45 -13.30 -3.34 4.58
CA GLN B 45 -13.27 -2.00 3.91
C GLN B 45 -12.82 -0.93 4.91
N ARG B 46 -12.09 0.06 4.39
CA ARG B 46 -11.63 1.26 5.13
C ARG B 46 -11.93 2.47 4.26
N LEU B 47 -12.73 3.42 4.77
CA LEU B 47 -13.28 4.55 3.98
C LEU B 47 -12.45 5.81 4.22
N ILE B 48 -12.26 6.60 3.17
CA ILE B 48 -11.32 7.76 3.14
C ILE B 48 -12.01 9.00 2.58
N PHE B 49 -11.85 10.13 3.26
CA PHE B 49 -12.23 11.49 2.79
C PHE B 49 -11.09 12.47 3.04
N ALA B 50 -10.86 13.39 2.10
CA ALA B 50 -9.96 14.56 2.22
C ALA B 50 -8.55 14.13 2.68
N GLY B 51 -8.13 12.91 2.35
CA GLY B 51 -6.76 12.41 2.61
C GLY B 51 -6.68 11.46 3.79
N LYS B 52 -7.71 11.45 4.64
CA LYS B 52 -7.70 10.79 5.97
C LYS B 52 -8.69 9.64 5.99
N GLN B 53 -8.43 8.64 6.82
CA GLN B 53 -9.35 7.50 7.05
C GLN B 53 -10.26 7.82 8.22
N LEU B 54 -11.33 7.06 8.33
CA LEU B 54 -12.44 7.29 9.29
C LEU B 54 -12.37 6.18 10.35
N GLU B 55 -12.97 6.40 11.52
CA GLU B 55 -13.11 5.38 12.60
C GLU B 55 -14.59 5.13 12.90
N ASP B 56 -14.88 3.98 13.54
CA ASP B 56 -16.24 3.44 13.80
C ASP B 56 -17.07 4.44 14.60
N GLY B 57 -16.54 4.90 15.75
CA GLY B 57 -17.25 5.71 16.78
C GLY B 57 -17.60 7.11 16.28
N ARG B 58 -16.67 7.74 15.54
CA ARG B 58 -16.85 9.05 14.88
C ARG B 58 -17.63 8.87 13.58
N THR B 59 -18.71 9.65 13.42
CA THR B 59 -19.85 9.45 12.47
C THR B 59 -19.72 10.37 11.25
N LEU B 60 -20.74 10.44 10.39
CA LEU B 60 -20.74 11.28 9.16
C LEU B 60 -20.85 12.77 9.54
N SER B 61 -21.77 13.10 10.43
CA SER B 61 -21.99 14.46 10.99
C SER B 61 -20.67 15.03 11.52
N ASP B 62 -19.81 14.16 12.07
CA ASP B 62 -18.55 14.52 12.78
C ASP B 62 -17.54 15.14 11.81
N TYR B 63 -17.30 14.49 10.66
CA TYR B 63 -16.29 14.91 9.65
C TYR B 63 -16.89 15.88 8.63
N ASN B 64 -18.10 16.38 8.89
CA ASN B 64 -18.75 17.44 8.06
C ASN B 64 -18.83 16.96 6.62
N ILE B 65 -19.62 15.92 6.36
CA ILE B 65 -19.77 15.28 5.02
C ILE B 65 -21.25 15.31 4.65
N GLN B 66 -21.62 16.08 3.61
CA GLN B 66 -23.02 16.36 3.18
C GLN B 66 -23.27 15.75 1.79
N LYS B 67 -24.33 16.21 1.12
CA LYS B 67 -24.84 15.76 -0.20
C LYS B 67 -23.73 15.61 -1.27
N GLU B 68 -23.94 14.69 -2.21
CA GLU B 68 -23.19 14.49 -3.49
C GLU B 68 -21.68 14.37 -3.27
N SER B 69 -21.23 14.29 -2.01
CA SER B 69 -19.80 14.24 -1.61
C SER B 69 -19.27 12.82 -1.79
N THR B 70 -18.28 12.63 -2.66
CA THR B 70 -17.73 11.29 -2.98
C THR B 70 -16.84 10.82 -1.84
N LEU B 71 -16.81 9.50 -1.66
CA LEU B 71 -16.05 8.77 -0.62
C LEU B 71 -15.25 7.66 -1.30
N HIS B 72 -13.93 7.64 -1.09
CA HIS B 72 -13.04 6.64 -1.70
C HIS B 72 -12.98 5.40 -0.81
N LEU B 73 -13.11 4.23 -1.43
CA LEU B 73 -13.18 2.90 -0.77
C LEU B 73 -11.91 2.13 -1.11
N VAL B 74 -11.19 1.65 -0.09
CA VAL B 74 -10.03 0.73 -0.29
C VAL B 74 -10.39 -0.63 0.29
N LEU B 75 -10.34 -1.64 -0.56
CA LEU B 75 -10.54 -3.05 -0.18
C LEU B 75 -9.35 -3.40 0.70
N ARG B 76 -9.60 -3.78 1.95
CA ARG B 76 -8.60 -4.42 2.84
C ARG B 76 -8.22 -5.77 2.22
N LEU B 77 -7.08 -6.32 2.62
CA LEU B 77 -6.61 -7.66 2.17
C LEU B 77 -7.01 -8.67 3.24
N ARG B 78 -6.69 -8.36 4.49
CA ARG B 78 -6.82 -9.29 5.63
C ARG B 78 -8.24 -9.23 6.17
N GLY B 79 -8.76 -10.36 6.63
CA GLY B 79 -10.09 -10.46 7.24
C GLY B 79 -9.96 -10.45 8.75
N GLY B 80 -11.08 -10.17 9.42
CA GLY B 80 -11.37 -10.76 10.73
C GLY B 80 -11.58 -12.23 10.51
N MET B 81 -10.88 -13.08 11.25
CA MET B 81 -11.22 -14.51 11.43
C MET B 81 -10.88 -15.30 10.16
N GLN B 82 -9.59 -15.47 9.88
CA GLN B 82 -9.08 -16.41 8.85
C GLN B 82 -9.04 -17.82 9.46
N ILE B 83 -9.34 -18.84 8.65
CA ILE B 83 -9.30 -20.27 9.06
C ILE B 83 -8.37 -20.99 8.08
N PHE B 84 -8.36 -22.33 8.07
CA PHE B 84 -7.47 -23.15 7.19
C PHE B 84 -8.23 -24.34 6.60
N VAL B 85 -7.65 -24.89 5.51
CA VAL B 85 -8.09 -26.16 4.86
C VAL B 85 -6.87 -26.98 4.44
N LYS B 86 -6.66 -28.12 5.10
CA LYS B 86 -5.70 -29.20 4.74
C LYS B 86 -6.47 -30.25 3.93
N THR B 87 -5.78 -31.01 3.07
CA THR B 87 -6.41 -32.07 2.23
C THR B 87 -5.64 -33.39 2.40
N LEU B 88 -5.91 -34.38 1.55
CA LEU B 88 -5.18 -35.68 1.49
C LEU B 88 -3.74 -35.40 1.05
N THR B 89 -3.58 -34.68 -0.08
CA THR B 89 -2.27 -34.32 -0.67
C THR B 89 -1.44 -33.60 0.39
N GLY B 90 -2.10 -32.81 1.23
CA GLY B 90 -1.47 -31.88 2.19
C GLY B 90 -1.38 -30.46 1.64
N LYS B 91 -1.89 -30.22 0.43
CA LYS B 91 -2.05 -28.86 -0.17
C LYS B 91 -2.97 -28.04 0.75
N THR B 92 -2.47 -26.88 1.19
CA THR B 92 -3.02 -26.08 2.32
C THR B 92 -3.45 -24.70 1.80
N ILE B 93 -4.67 -24.28 2.18
CA ILE B 93 -5.35 -23.05 1.69
C ILE B 93 -5.89 -22.27 2.88
N THR B 94 -6.02 -20.94 2.77
CA THR B 94 -6.67 -20.06 3.79
C THR B 94 -7.91 -19.38 3.20
N LEU B 95 -8.91 -19.15 4.06
CA LEU B 95 -10.14 -18.39 3.77
C LEU B 95 -10.23 -17.21 4.75
N GLU B 96 -10.95 -16.15 4.34
CA GLU B 96 -11.35 -14.99 5.20
C GLU B 96 -12.87 -14.97 5.31
N VAL B 97 -13.41 -14.99 6.53
CA VAL B 97 -14.87 -15.23 6.75
C VAL B 97 -15.31 -14.56 8.06
N GLU B 98 -16.58 -14.79 8.43
CA GLU B 98 -17.24 -14.24 9.64
C GLU B 98 -17.89 -15.40 10.41
N PRO B 99 -18.19 -15.24 11.72
CA PRO B 99 -18.82 -16.30 12.50
C PRO B 99 -20.27 -16.62 12.07
N SER B 100 -20.90 -15.68 11.35
CA SER B 100 -22.31 -15.74 10.89
C SER B 100 -22.44 -16.51 9.57
N ASP B 101 -21.34 -16.73 8.83
CA ASP B 101 -21.32 -17.31 7.45
C ASP B 101 -21.76 -18.79 7.49
N THR B 102 -22.66 -19.22 6.59
CA THR B 102 -23.11 -20.64 6.47
C THR B 102 -22.11 -21.42 5.61
N ILE B 103 -22.20 -22.74 5.62
CA ILE B 103 -21.21 -23.64 4.96
C ILE B 103 -21.41 -23.56 3.43
N GLU B 104 -22.66 -23.58 2.97
CA GLU B 104 -23.07 -23.38 1.56
C GLU B 104 -22.36 -22.15 0.98
N ASN B 105 -22.10 -21.18 1.86
CA ASN B 105 -21.34 -19.93 1.63
C ASN B 105 -19.84 -20.24 1.53
N VAL B 106 -19.26 -20.89 2.55
CA VAL B 106 -17.80 -21.19 2.66
C VAL B 106 -17.34 -21.93 1.41
N LYS B 107 -18.05 -22.98 1.02
CA LYS B 107 -17.69 -23.84 -0.14
C LYS B 107 -17.47 -22.94 -1.37
N ALA B 108 -18.41 -22.01 -1.62
CA ALA B 108 -18.39 -21.08 -2.77
C ALA B 108 -17.11 -20.26 -2.78
N LYS B 109 -16.52 -19.97 -1.62
CA LYS B 109 -15.23 -19.25 -1.49
C LYS B 109 -14.09 -20.18 -1.90
N ILE B 110 -14.18 -21.48 -1.56
CA ILE B 110 -13.18 -22.51 -1.93
C ILE B 110 -13.17 -22.67 -3.45
N GLN B 111 -14.36 -22.82 -4.02
CA GLN B 111 -14.58 -22.83 -5.48
C GLN B 111 -13.90 -21.62 -6.12
N ASP B 112 -14.00 -20.46 -5.46
CA ASP B 112 -13.46 -19.16 -5.95
C ASP B 112 -11.95 -19.31 -6.23
N LYS B 113 -11.20 -19.98 -5.35
CA LYS B 113 -9.71 -20.02 -5.42
C LYS B 113 -9.23 -21.33 -6.07
N GLU B 114 -9.91 -22.45 -5.82
CA GLU B 114 -9.44 -23.79 -6.28
C GLU B 114 -10.29 -24.32 -7.47
N GLY B 115 -11.42 -23.68 -7.78
CA GLY B 115 -12.21 -23.93 -9.01
C GLY B 115 -13.06 -25.20 -8.96
N ILE B 116 -13.42 -25.68 -7.76
CA ILE B 116 -14.10 -26.99 -7.51
C ILE B 116 -15.50 -26.74 -6.95
N PRO B 117 -16.54 -27.44 -7.45
CA PRO B 117 -17.92 -27.06 -7.18
C PRO B 117 -18.36 -27.38 -5.76
N PRO B 118 -19.30 -26.60 -5.19
CA PRO B 118 -19.82 -26.83 -3.85
C PRO B 118 -20.74 -28.06 -3.73
N ASP B 119 -21.04 -28.70 -4.87
CA ASP B 119 -21.77 -30.00 -4.93
C ASP B 119 -20.86 -31.12 -4.38
N GLN B 120 -19.62 -31.19 -4.87
CA GLN B 120 -18.70 -32.34 -4.66
C GLN B 120 -17.85 -32.10 -3.40
N GLN B 121 -17.43 -30.86 -3.13
CA GLN B 121 -16.68 -30.50 -1.90
C GLN B 121 -17.43 -31.07 -0.69
N ARG B 122 -16.71 -31.53 0.33
CA ARG B 122 -17.29 -32.10 1.58
C ARG B 122 -16.32 -31.91 2.75
N LEU B 123 -16.77 -31.23 3.82
CA LEU B 123 -15.91 -30.69 4.90
C LEU B 123 -16.10 -31.48 6.18
N ILE B 124 -15.03 -31.58 6.98
CA ILE B 124 -15.00 -32.35 8.26
C ILE B 124 -14.27 -31.51 9.32
N PHE B 125 -14.82 -31.42 10.53
CA PHE B 125 -14.11 -30.79 11.67
C PHE B 125 -14.32 -31.56 12.96
N ALA B 126 -13.22 -31.84 13.65
CA ALA B 126 -13.15 -32.40 15.03
C ALA B 126 -14.14 -33.55 15.15
N GLY B 127 -13.97 -34.56 14.28
CA GLY B 127 -14.80 -35.77 14.23
C GLY B 127 -16.26 -35.44 14.06
N LYS B 128 -16.63 -34.73 12.99
CA LYS B 128 -18.03 -34.33 12.72
C LYS B 128 -18.13 -33.82 11.28
N GLN B 129 -18.86 -34.54 10.40
CA GLN B 129 -19.12 -34.10 9.00
C GLN B 129 -20.17 -32.99 9.05
N LEU B 130 -19.88 -31.85 8.40
CA LEU B 130 -20.74 -30.64 8.50
C LEU B 130 -21.70 -30.59 7.31
N GLU B 131 -22.99 -30.34 7.60
CA GLU B 131 -24.06 -29.98 6.62
C GLU B 131 -24.31 -28.47 6.71
N ASP B 132 -25.01 -27.91 5.71
CA ASP B 132 -25.04 -26.45 5.38
C ASP B 132 -26.16 -25.75 6.17
N GLY B 133 -26.46 -24.49 5.84
CA GLY B 133 -27.32 -23.61 6.65
C GLY B 133 -27.05 -23.82 8.14
N ARG B 134 -25.77 -23.94 8.51
CA ARG B 134 -25.26 -24.25 9.88
C ARG B 134 -24.09 -23.29 10.14
N THR B 135 -24.36 -22.12 10.72
CA THR B 135 -23.36 -21.02 10.91
C THR B 135 -22.10 -21.59 11.57
N LEU B 136 -21.01 -20.82 11.56
CA LEU B 136 -19.71 -21.27 12.13
C LEU B 136 -19.79 -21.32 13.67
N SER B 137 -20.54 -20.41 14.31
CA SER B 137 -20.88 -20.48 15.75
C SER B 137 -21.65 -21.80 16.03
N ASP B 138 -22.40 -22.30 15.04
CA ASP B 138 -23.22 -23.54 15.13
C ASP B 138 -22.36 -24.78 14.86
N TYR B 139 -21.05 -24.63 14.68
CA TYR B 139 -20.06 -25.75 14.70
C TYR B 139 -18.90 -25.40 15.62
N ASN B 140 -19.06 -24.38 16.46
CA ASN B 140 -18.11 -24.04 17.56
C ASN B 140 -16.73 -23.71 16.97
N ILE B 141 -16.70 -23.12 15.78
CA ILE B 141 -15.46 -22.76 15.02
C ILE B 141 -14.81 -21.54 15.68
N GLN B 142 -13.68 -21.73 16.35
CA GLN B 142 -12.85 -20.62 16.89
C GLN B 142 -12.08 -19.99 15.72
N LYS B 143 -11.22 -19.03 16.00
CA LYS B 143 -10.33 -18.42 14.97
C LYS B 143 -9.13 -19.35 14.76
N GLU B 144 -8.57 -19.36 13.55
CA GLU B 144 -7.39 -20.18 13.15
C GLU B 144 -7.70 -21.65 13.40
N SER B 145 -8.91 -22.10 13.08
CA SER B 145 -9.28 -23.53 13.04
C SER B 145 -8.68 -24.15 11.77
N THR B 146 -8.54 -25.47 11.72
CA THR B 146 -8.22 -26.23 10.50
C THR B 146 -9.30 -27.25 10.22
N LEU B 147 -9.93 -27.16 9.04
CA LEU B 147 -10.94 -28.13 8.55
C LEU B 147 -10.25 -29.09 7.57
N HIS B 148 -10.33 -30.40 7.81
CA HIS B 148 -9.96 -31.43 6.82
C HIS B 148 -11.08 -31.50 5.77
N LEU B 149 -10.74 -31.61 4.48
CA LEU B 149 -11.72 -31.54 3.36
C LEU B 149 -11.39 -32.59 2.29
N VAL B 150 -12.42 -33.19 1.65
CA VAL B 150 -12.27 -34.30 0.66
C VAL B 150 -13.43 -34.36 -0.33
N LEU B 151 -13.20 -35.05 -1.46
CA LEU B 151 -14.06 -35.06 -2.67
C LEU B 151 -14.94 -36.32 -2.64
N ARG B 152 -15.88 -36.48 -3.58
CA ARG B 152 -16.90 -37.56 -3.56
C ARG B 152 -16.66 -38.50 -4.75
N LEU C 12 -6.34 61.24 -34.44
CA LEU C 12 -7.41 60.40 -33.76
C LEU C 12 -7.32 58.95 -34.27
N GLU C 13 -7.46 58.76 -35.60
CA GLU C 13 -7.86 57.48 -36.25
C GLU C 13 -6.63 56.67 -36.70
N ASP C 14 -5.48 56.90 -36.06
CA ASP C 14 -4.22 56.12 -36.22
C ASP C 14 -4.02 55.26 -34.94
N LEU C 15 -4.36 55.81 -33.76
CA LEU C 15 -4.45 55.12 -32.43
C LEU C 15 -5.53 54.02 -32.44
N LYS C 16 -6.58 54.24 -33.25
CA LYS C 16 -7.69 53.28 -33.49
C LYS C 16 -7.15 51.95 -34.03
N GLN C 17 -6.16 52.02 -34.93
CA GLN C 17 -5.50 50.86 -35.57
C GLN C 17 -4.88 49.93 -34.52
N GLN C 18 -4.36 50.48 -33.41
CA GLN C 18 -3.61 49.73 -32.36
C GLN C 18 -4.50 49.29 -31.19
N LEU C 19 -5.65 49.95 -30.95
CA LEU C 19 -6.58 49.52 -29.87
C LEU C 19 -7.47 48.39 -30.38
N GLN C 20 -7.43 48.07 -31.69
CA GLN C 20 -8.11 46.88 -32.28
C GLN C 20 -7.17 45.66 -32.24
N GLN C 21 -5.85 45.87 -32.31
CA GLN C 21 -4.82 44.80 -32.12
C GLN C 21 -4.75 44.44 -30.62
N ALA C 22 -4.86 45.45 -29.74
CA ALA C 22 -4.77 45.34 -28.26
C ALA C 22 -5.83 44.36 -27.73
N GLU C 23 -7.06 44.44 -28.25
CA GLU C 23 -8.19 43.58 -27.81
C GLU C 23 -8.21 42.28 -28.63
N GLU C 24 -7.57 42.26 -29.80
CA GLU C 24 -7.30 40.99 -30.55
C GLU C 24 -6.23 40.18 -29.82
N ALA C 25 -5.38 40.84 -29.02
CA ALA C 25 -4.32 40.21 -28.20
C ALA C 25 -4.93 39.67 -26.91
N LEU C 26 -5.92 40.37 -26.35
CA LEU C 26 -6.66 39.92 -25.16
C LEU C 26 -7.38 38.61 -25.50
N VAL C 27 -7.94 38.51 -26.71
CA VAL C 27 -8.62 37.28 -27.22
C VAL C 27 -7.61 36.13 -27.21
N ALA C 28 -6.45 36.33 -27.84
CA ALA C 28 -5.37 35.33 -27.92
C ALA C 28 -5.00 34.88 -26.50
N LYS C 29 -4.64 35.82 -25.64
CA LYS C 29 -4.17 35.61 -24.24
C LYS C 29 -5.21 34.79 -23.46
N GLN C 30 -6.49 35.20 -23.51
CA GLN C 30 -7.61 34.48 -22.85
C GLN C 30 -7.60 33.03 -23.33
N GLU C 31 -7.64 32.80 -24.66
CA GLU C 31 -7.65 31.45 -25.29
C GLU C 31 -6.62 30.56 -24.59
N VAL C 32 -5.40 31.07 -24.36
CA VAL C 32 -4.31 30.32 -23.68
C VAL C 32 -4.68 30.14 -22.20
N ILE C 33 -5.26 31.14 -21.55
CA ILE C 33 -5.79 31.02 -20.15
C ILE C 33 -6.75 29.83 -20.11
N ASP C 34 -7.76 29.83 -20.98
CA ASP C 34 -8.83 28.79 -21.03
C ASP C 34 -8.18 27.41 -21.07
N LYS C 35 -7.24 27.19 -22.00
CA LYS C 35 -6.61 25.88 -22.27
C LYS C 35 -5.81 25.43 -21.04
N LEU C 36 -5.05 26.34 -20.42
CA LEU C 36 -4.23 26.00 -19.24
C LEU C 36 -5.14 25.57 -18.08
N LYS C 37 -6.26 26.28 -17.88
CA LYS C 37 -7.30 25.97 -16.86
C LYS C 37 -7.93 24.61 -17.18
N GLU C 38 -8.61 24.52 -18.32
CA GLU C 38 -9.13 23.24 -18.89
C GLU C 38 -8.13 22.12 -18.55
N GLU C 39 -6.89 22.23 -19.03
CA GLU C 39 -5.80 21.23 -18.79
C GLU C 39 -5.66 21.01 -17.28
N ALA C 40 -5.31 22.06 -16.54
CA ALA C 40 -5.08 22.00 -15.07
C ALA C 40 -6.11 21.08 -14.41
N GLU C 41 -7.38 21.10 -14.87
CA GLU C 41 -8.50 20.34 -14.25
C GLU C 41 -8.39 18.84 -14.57
N GLN C 42 -7.99 18.48 -15.80
CA GLN C 42 -7.78 17.07 -16.24
C GLN C 42 -6.69 16.43 -15.38
N HIS C 43 -5.64 17.21 -15.07
CA HIS C 43 -4.51 16.83 -14.20
C HIS C 43 -4.96 16.82 -12.72
N LYS C 44 -5.90 17.69 -12.33
CA LYS C 44 -6.46 17.77 -10.95
C LYS C 44 -7.16 16.46 -10.59
N ILE C 45 -7.80 15.82 -11.57
CA ILE C 45 -8.51 14.52 -11.40
C ILE C 45 -7.48 13.48 -10.91
N VAL C 46 -6.32 13.41 -11.57
CA VAL C 46 -5.21 12.46 -11.26
C VAL C 46 -4.53 12.84 -9.93
N MET C 47 -4.52 14.13 -9.57
CA MET C 47 -3.88 14.62 -8.32
C MET C 47 -4.75 14.31 -7.08
N GLU C 48 -6.04 14.02 -7.28
CA GLU C 48 -6.98 13.63 -6.19
C GLU C 48 -6.69 12.18 -5.75
N THR C 49 -6.48 11.27 -6.71
CA THR C 49 -6.20 9.85 -6.40
C THR C 49 -5.01 9.80 -5.41
N VAL C 50 -4.04 10.69 -5.55
CA VAL C 50 -2.78 10.70 -4.74
C VAL C 50 -3.14 10.48 -3.26
N PRO C 51 -3.75 11.46 -2.56
CA PRO C 51 -4.15 11.27 -1.17
C PRO C 51 -4.68 9.88 -0.80
N VAL C 52 -5.46 9.27 -1.69
CA VAL C 52 -6.04 7.89 -1.52
C VAL C 52 -4.88 6.88 -1.54
N LEU C 53 -4.15 6.79 -2.65
CA LEU C 53 -3.04 5.82 -2.83
C LEU C 53 -2.09 5.88 -1.63
N LYS C 54 -1.78 7.08 -1.16
CA LYS C 54 -0.93 7.29 0.04
C LYS C 54 -1.55 6.53 1.21
N ALA C 55 -2.88 6.55 1.33
CA ALA C 55 -3.62 5.78 2.36
C ALA C 55 -3.53 4.29 2.04
N GLN C 56 -4.03 3.88 0.87
CA GLN C 56 -3.98 2.47 0.39
C GLN C 56 -2.69 1.83 0.92
N ALA C 57 -1.54 2.43 0.59
CA ALA C 57 -0.20 2.01 1.09
C ALA C 57 -0.31 1.70 2.58
N ASP C 58 -0.66 2.71 3.38
CA ASP C 58 -0.61 2.67 4.86
C ASP C 58 -1.77 1.85 5.44
N ILE C 59 -2.67 1.27 4.62
CA ILE C 59 -3.59 0.19 5.06
C ILE C 59 -2.88 -1.15 4.87
N TYR C 60 -2.49 -1.42 3.62
CA TYR C 60 -1.82 -2.67 3.20
C TYR C 60 -0.62 -2.90 4.14
N LYS C 61 0.12 -1.84 4.49
CA LYS C 61 1.25 -1.90 5.46
C LYS C 61 0.77 -2.47 6.80
N ALA C 62 0.01 -1.69 7.57
CA ALA C 62 -0.51 -2.08 8.90
C ALA C 62 -1.09 -3.50 8.83
N ASP C 63 -1.54 -3.95 7.65
CA ASP C 63 -2.10 -5.31 7.44
C ASP C 63 -0.95 -6.33 7.34
N PHE C 64 0.04 -6.08 6.49
CA PHE C 64 1.25 -6.94 6.38
C PHE C 64 1.81 -7.19 7.78
N GLN C 65 1.80 -6.15 8.60
CA GLN C 65 2.18 -6.21 10.03
C GLN C 65 1.25 -7.20 10.74
N ALA C 66 -0.06 -7.01 10.59
CA ALA C 66 -1.10 -7.83 11.25
C ALA C 66 -0.88 -9.30 10.94
N GLU C 67 -0.50 -9.65 9.70
CA GLU C 67 -0.25 -11.06 9.29
C GLU C 67 0.97 -11.58 10.06
N ARG C 68 2.08 -10.85 10.04
CA ARG C 68 3.29 -11.17 10.85
C ARG C 68 2.86 -11.60 12.26
N GLN C 69 2.09 -10.76 12.99
CA GLN C 69 1.69 -11.00 14.41
C GLN C 69 0.83 -12.28 14.53
N ALA C 70 0.10 -12.65 13.47
CA ALA C 70 -0.63 -13.93 13.39
C ALA C 70 0.38 -15.08 13.31
N ARG C 71 1.46 -14.91 12.53
CA ARG C 71 2.56 -15.91 12.34
C ARG C 71 3.30 -16.09 13.67
N GLU C 72 3.91 -15.02 14.18
CA GLU C 72 4.59 -15.02 15.50
C GLU C 72 3.86 -15.99 16.45
N LYS C 73 2.56 -15.74 16.66
CA LYS C 73 1.73 -16.42 17.68
C LYS C 73 1.49 -17.89 17.31
N LEU C 74 1.38 -18.19 16.01
CA LEU C 74 1.35 -19.59 15.52
C LEU C 74 2.72 -20.22 15.80
N ALA C 75 3.80 -19.75 15.16
CA ALA C 75 5.17 -20.33 15.29
C ALA C 75 5.48 -20.60 16.77
N GLU C 76 4.98 -19.75 17.66
CA GLU C 76 5.06 -19.93 19.14
C GLU C 76 4.43 -21.28 19.50
N LYS C 77 3.11 -21.43 19.34
CA LYS C 77 2.38 -22.72 19.51
C LYS C 77 3.29 -23.88 19.09
N LYS C 78 3.91 -23.74 17.92
CA LYS C 78 4.69 -24.83 17.27
C LYS C 78 5.95 -25.13 18.07
N GLU C 79 6.70 -24.13 18.54
CA GLU C 79 7.89 -24.40 19.40
C GLU C 79 7.42 -25.06 20.69
N LEU C 80 6.32 -24.59 21.28
CA LEU C 80 5.78 -25.17 22.55
C LEU C 80 5.30 -26.61 22.31
N LEU C 81 5.01 -27.00 21.06
CA LEU C 81 4.71 -28.41 20.68
C LEU C 81 6.02 -29.20 20.51
N GLN C 82 7.05 -28.66 19.83
CA GLN C 82 8.38 -29.32 19.61
C GLN C 82 9.24 -29.26 20.87
N GLU C 83 8.62 -29.05 22.05
CA GLU C 83 9.20 -29.29 23.40
C GLU C 83 8.36 -30.32 24.19
N GLN C 84 7.05 -30.43 23.89
CA GLN C 84 6.14 -31.52 24.39
C GLN C 84 6.34 -32.81 23.59
N LEU C 85 6.98 -32.73 22.43
CA LEU C 85 7.38 -33.92 21.64
C LEU C 85 8.86 -34.22 21.90
N GLU C 86 9.67 -33.22 22.27
CA GLU C 86 11.13 -33.34 22.58
C GLU C 86 11.30 -34.09 23.92
N GLN C 87 10.33 -33.98 24.83
CA GLN C 87 10.29 -34.75 26.11
C GLN C 87 9.99 -36.23 25.82
N LEU C 88 8.91 -36.52 25.08
CA LEU C 88 8.43 -37.91 24.75
C LEU C 88 9.36 -38.51 23.67
N GLN C 89 10.57 -38.91 24.06
CA GLN C 89 11.62 -39.51 23.18
C GLN C 89 12.31 -40.71 23.89
N ARG C 90 11.55 -41.51 24.67
CA ARG C 90 12.00 -42.78 25.34
C ARG C 90 11.74 -43.97 24.41
N GLY D 3 35.99 6.57 -13.05
CA GLY D 3 34.58 7.05 -13.13
C GLY D 3 34.19 7.53 -14.53
N SER D 4 33.22 6.86 -15.16
CA SER D 4 32.55 7.30 -16.41
C SER D 4 31.35 8.22 -16.07
N MET D 5 30.50 7.84 -15.09
CA MET D 5 29.27 8.62 -14.73
C MET D 5 28.89 8.45 -13.24
N GLN D 6 27.79 9.12 -12.84
CA GLN D 6 27.11 8.98 -11.51
C GLN D 6 25.59 9.15 -11.70
N ILE D 7 24.80 8.86 -10.65
CA ILE D 7 23.31 8.98 -10.60
C ILE D 7 22.86 9.48 -9.22
N PHE D 8 21.61 9.96 -9.09
CA PHE D 8 20.93 10.33 -7.82
C PHE D 8 19.90 9.22 -7.51
N VAL D 9 19.57 9.02 -6.23
CA VAL D 9 18.59 8.01 -5.74
C VAL D 9 17.87 8.53 -4.47
N LYS D 10 16.53 8.56 -4.51
CA LYS D 10 15.65 9.09 -3.42
C LYS D 10 14.77 7.97 -2.85
N THR D 11 14.47 8.03 -1.55
CA THR D 11 13.34 7.30 -0.89
C THR D 11 12.08 8.10 -1.23
N LEU D 12 10.96 7.89 -0.52
CA LEU D 12 9.69 8.63 -0.79
C LEU D 12 9.76 10.05 -0.23
N THR D 13 10.46 10.24 0.89
CA THR D 13 10.61 11.54 1.58
C THR D 13 11.59 12.43 0.79
N GLY D 14 12.44 13.19 1.49
CA GLY D 14 13.49 14.04 0.89
C GLY D 14 14.88 13.39 0.93
N LYS D 15 14.99 12.18 1.53
CA LYS D 15 16.27 11.43 1.73
C LYS D 15 16.94 11.08 0.40
N THR D 16 17.70 12.02 -0.17
CA THR D 16 18.41 11.84 -1.47
C THR D 16 19.84 11.38 -1.18
N ILE D 17 20.34 10.49 -2.03
CA ILE D 17 21.70 9.88 -2.00
C ILE D 17 22.28 10.00 -3.41
N THR D 18 23.57 9.69 -3.60
CA THR D 18 24.24 9.65 -4.93
C THR D 18 25.11 8.40 -5.04
N LEU D 19 25.39 7.95 -6.27
CA LEU D 19 26.06 6.66 -6.63
C LEU D 19 27.06 6.85 -7.78
N GLU D 20 28.07 5.97 -7.85
CA GLU D 20 28.98 5.82 -9.01
C GLU D 20 28.67 4.50 -9.72
N VAL D 21 28.20 4.54 -10.97
CA VAL D 21 27.91 3.34 -11.81
C VAL D 21 28.39 3.58 -13.25
N GLU D 22 28.94 2.53 -13.88
CA GLU D 22 29.57 2.52 -15.24
C GLU D 22 28.47 2.64 -16.32
N PRO D 23 28.86 2.72 -17.62
CA PRO D 23 27.91 2.59 -18.75
C PRO D 23 26.78 1.56 -18.56
N SER D 24 27.14 0.30 -18.27
CA SER D 24 26.21 -0.83 -18.04
C SER D 24 26.72 -1.71 -16.88
N ASP D 25 26.18 -1.48 -15.67
CA ASP D 25 26.26 -2.41 -14.51
C ASP D 25 24.87 -3.04 -14.33
N THR D 26 24.83 -4.29 -13.86
CA THR D 26 23.56 -5.02 -13.62
C THR D 26 22.85 -4.41 -12.40
N ILE D 27 21.53 -4.58 -12.32
CA ILE D 27 20.63 -3.98 -11.29
C ILE D 27 21.02 -4.47 -9.89
N GLU D 28 21.26 -5.78 -9.70
CA GLU D 28 21.60 -6.37 -8.36
C GLU D 28 22.80 -5.61 -7.80
N ASN D 29 23.77 -5.31 -8.67
CA ASN D 29 25.04 -4.59 -8.33
C ASN D 29 24.68 -3.24 -7.68
N VAL D 30 23.64 -2.55 -8.19
CA VAL D 30 23.22 -1.19 -7.73
C VAL D 30 22.59 -1.32 -6.34
N LYS D 31 21.68 -2.29 -6.15
CA LYS D 31 21.12 -2.62 -4.81
C LYS D 31 22.27 -2.94 -3.86
N ALA D 32 23.37 -3.53 -4.36
CA ALA D 32 24.55 -3.94 -3.56
C ALA D 32 25.37 -2.72 -3.13
N LYS D 33 25.45 -1.70 -3.99
CA LYS D 33 26.13 -0.41 -3.66
C LYS D 33 25.29 0.35 -2.62
N ILE D 34 24.00 0.01 -2.50
CA ILE D 34 23.07 0.52 -1.44
C ILE D 34 23.32 -0.24 -0.13
N GLN D 35 23.57 -1.54 -0.22
CA GLN D 35 24.04 -2.36 0.94
C GLN D 35 25.51 -2.01 1.22
N ASP D 36 26.05 -0.96 0.59
CA ASP D 36 27.44 -0.48 0.80
C ASP D 36 27.46 0.99 1.27
N LYS D 37 26.34 1.72 1.21
CA LYS D 37 26.24 3.13 1.67
C LYS D 37 25.13 3.27 2.73
N GLU D 38 24.13 2.38 2.70
CA GLU D 38 22.95 2.40 3.60
C GLU D 38 22.80 1.07 4.36
N GLY D 39 23.42 -0.01 3.85
CA GLY D 39 23.42 -1.34 4.49
C GLY D 39 22.08 -2.05 4.45
N ILE D 40 21.18 -1.65 3.55
CA ILE D 40 19.84 -2.27 3.34
C ILE D 40 20.04 -3.50 2.44
N PRO D 41 19.68 -4.72 2.86
CA PRO D 41 20.01 -5.92 2.09
C PRO D 41 19.36 -5.87 0.71
N PRO D 42 20.01 -6.38 -0.35
CA PRO D 42 19.44 -6.34 -1.70
C PRO D 42 17.95 -6.74 -1.79
N ASP D 43 17.57 -7.88 -1.21
CA ASP D 43 16.21 -8.47 -1.34
C ASP D 43 15.14 -7.53 -0.78
N GLN D 44 15.52 -6.60 0.11
CA GLN D 44 14.58 -5.69 0.82
C GLN D 44 14.46 -4.33 0.10
N GLN D 45 14.96 -4.20 -1.13
CA GLN D 45 14.75 -2.98 -1.95
C GLN D 45 14.14 -3.39 -3.29
N ARG D 46 13.28 -2.53 -3.81
CA ARG D 46 12.87 -2.55 -5.23
C ARG D 46 12.97 -1.13 -5.77
N LEU D 47 13.59 -0.99 -6.94
CA LEU D 47 13.95 0.31 -7.55
C LEU D 47 13.03 0.58 -8.72
N ILE D 48 12.66 1.86 -8.89
CA ILE D 48 11.60 2.31 -9.84
C ILE D 48 12.13 3.43 -10.73
N PHE D 49 11.85 3.32 -12.03
CA PHE D 49 12.04 4.40 -13.02
C PHE D 49 10.84 4.40 -13.96
N ALA D 50 10.55 5.57 -14.55
CA ALA D 50 9.29 5.81 -15.26
C ALA D 50 8.16 5.36 -14.32
N GLY D 51 7.23 4.54 -14.81
CA GLY D 51 6.18 3.92 -13.99
C GLY D 51 6.42 2.43 -13.80
N LYS D 52 7.69 2.01 -13.81
CA LYS D 52 8.09 0.58 -13.84
C LYS D 52 9.17 0.27 -12.81
N GLN D 53 9.05 -0.91 -12.20
CA GLN D 53 10.07 -1.50 -11.28
C GLN D 53 11.22 -2.02 -12.14
N LEU D 54 12.34 -2.37 -11.52
CA LEU D 54 13.56 -2.82 -12.22
C LEU D 54 13.91 -4.25 -11.77
N GLU D 55 14.06 -5.15 -12.74
CA GLU D 55 14.28 -6.60 -12.49
C GLU D 55 15.77 -6.83 -12.25
N ASP D 56 16.09 -7.99 -11.67
CA ASP D 56 17.39 -8.27 -11.02
C ASP D 56 18.48 -8.45 -12.08
N GLY D 57 18.21 -9.22 -13.14
CA GLY D 57 19.21 -9.68 -14.12
C GLY D 57 19.73 -8.63 -15.09
N ARG D 58 18.95 -7.56 -15.35
CA ARG D 58 19.17 -6.57 -16.46
C ARG D 58 20.00 -5.36 -15.99
N THR D 59 20.49 -4.57 -16.95
CA THR D 59 21.49 -3.48 -16.76
C THR D 59 20.83 -2.10 -16.91
N LEU D 60 21.61 -1.03 -16.74
CA LEU D 60 21.13 0.37 -16.78
C LEU D 60 21.01 0.85 -18.23
N SER D 61 21.99 0.50 -19.07
CA SER D 61 22.01 0.83 -20.53
C SER D 61 20.71 0.33 -21.18
N ASP D 62 20.20 -0.80 -20.69
CA ASP D 62 19.08 -1.60 -21.27
C ASP D 62 17.74 -0.83 -21.11
N TYR D 63 17.38 -0.35 -19.90
CA TYR D 63 16.30 0.64 -19.67
C TYR D 63 16.94 2.04 -19.65
N ASN D 64 16.70 2.88 -20.66
CA ASN D 64 17.48 4.11 -20.95
C ASN D 64 17.74 4.89 -19.65
N ILE D 65 18.98 4.90 -19.17
CA ILE D 65 19.50 5.78 -18.08
C ILE D 65 20.69 6.59 -18.65
N GLN D 66 20.56 7.92 -18.75
CA GLN D 66 21.68 8.85 -19.06
C GLN D 66 22.26 9.39 -17.74
N LYS D 67 23.38 10.10 -17.81
CA LYS D 67 24.09 10.71 -16.63
C LYS D 67 23.10 11.45 -15.73
N GLU D 68 23.30 11.36 -14.42
CA GLU D 68 22.67 12.19 -13.34
C GLU D 68 21.14 12.28 -13.53
N SER D 69 20.50 11.18 -13.96
CA SER D 69 19.05 10.86 -13.80
C SER D 69 18.81 10.34 -12.38
N THR D 70 17.57 10.40 -11.88
CA THR D 70 17.19 9.95 -10.51
C THR D 70 16.52 8.57 -10.56
N LEU D 71 16.72 7.79 -9.50
CA LEU D 71 15.98 6.53 -9.25
C LEU D 71 15.21 6.68 -7.94
N HIS D 72 13.95 6.24 -7.94
CA HIS D 72 13.08 6.19 -6.74
C HIS D 72 13.23 4.81 -6.09
N LEU D 73 13.40 4.80 -4.77
CA LEU D 73 13.66 3.61 -3.93
C LEU D 73 12.47 3.39 -2.98
N VAL D 74 11.97 2.16 -2.90
CA VAL D 74 10.92 1.75 -1.91
C VAL D 74 11.51 0.65 -1.02
N LEU D 75 11.53 0.89 0.29
CA LEU D 75 11.86 -0.14 1.31
C LEU D 75 10.80 -1.23 1.25
N ARG D 76 11.18 -2.45 0.88
CA ARG D 76 10.36 -3.67 1.04
C ARG D 76 9.99 -3.77 2.52
N LEU D 77 9.08 -4.67 2.90
CA LEU D 77 8.62 -4.82 4.30
C LEU D 77 9.27 -6.03 4.97
N ARG D 78 9.97 -6.88 4.21
CA ARG D 78 10.59 -8.12 4.72
C ARG D 78 11.62 -8.66 3.73
N GLY D 79 12.68 -9.28 4.25
CA GLY D 79 13.80 -9.82 3.46
C GLY D 79 13.63 -11.30 3.17
N GLY D 80 14.65 -11.88 2.54
CA GLY D 80 14.69 -13.31 2.21
C GLY D 80 14.24 -14.10 3.42
N MET D 81 15.15 -14.26 4.39
CA MET D 81 14.98 -15.14 5.58
C MET D 81 14.31 -14.37 6.72
N GLN D 82 13.48 -15.09 7.48
CA GLN D 82 13.01 -14.71 8.83
C GLN D 82 13.22 -15.92 9.75
N ILE D 83 13.96 -15.74 10.85
CA ILE D 83 14.06 -16.73 11.96
C ILE D 83 13.46 -16.07 13.20
N PHE D 84 13.47 -16.80 14.30
CA PHE D 84 12.73 -16.43 15.54
C PHE D 84 13.70 -16.49 16.71
N VAL D 85 13.38 -15.75 17.78
CA VAL D 85 14.20 -15.70 19.02
C VAL D 85 13.26 -15.66 20.24
N LYS D 86 13.50 -16.58 21.18
CA LYS D 86 12.63 -16.93 22.32
C LYS D 86 13.37 -16.65 23.63
N THR D 87 13.12 -15.48 24.22
CA THR D 87 13.73 -15.04 25.51
C THR D 87 13.04 -15.80 26.63
N LEU D 88 13.70 -15.92 27.80
CA LEU D 88 13.20 -16.66 28.99
C LEU D 88 11.99 -15.93 29.61
N THR D 89 11.77 -14.65 29.27
CA THR D 89 10.61 -13.82 29.69
C THR D 89 9.31 -14.58 29.35
N GLY D 90 9.32 -15.30 28.21
CA GLY D 90 8.10 -15.79 27.55
C GLY D 90 7.66 -14.80 26.47
N LYS D 91 8.62 -14.20 25.77
CA LYS D 91 8.40 -13.37 24.56
C LYS D 91 9.20 -14.00 23.42
N THR D 92 8.57 -14.16 22.26
CA THR D 92 9.24 -14.63 21.02
C THR D 92 9.08 -13.57 19.95
N ILE D 93 10.20 -13.06 19.42
CA ILE D 93 10.22 -11.96 18.42
C ILE D 93 10.86 -12.50 17.15
N THR D 94 10.70 -11.78 16.03
CA THR D 94 11.10 -12.23 14.67
C THR D 94 12.16 -11.31 14.07
N LEU D 95 13.06 -11.89 13.29
CA LEU D 95 14.23 -11.18 12.71
C LEU D 95 14.25 -11.43 11.20
N GLU D 96 14.89 -10.51 10.47
CA GLU D 96 15.09 -10.55 9.00
C GLU D 96 16.57 -10.72 8.74
N VAL D 97 16.96 -11.61 7.82
CA VAL D 97 18.40 -11.92 7.59
C VAL D 97 18.60 -12.46 6.17
N GLU D 98 19.85 -12.84 5.87
CA GLU D 98 20.26 -13.70 4.72
C GLU D 98 21.33 -14.65 5.25
N PRO D 99 21.58 -15.81 4.59
CA PRO D 99 22.43 -16.85 5.18
C PRO D 99 23.88 -16.38 5.38
N SER D 100 24.34 -15.40 4.58
CA SER D 100 25.71 -14.85 4.60
C SER D 100 25.90 -13.88 5.77
N ASP D 101 24.82 -13.53 6.48
CA ASP D 101 24.85 -12.58 7.62
C ASP D 101 25.51 -13.27 8.82
N THR D 102 26.39 -12.54 9.51
CA THR D 102 27.15 -12.99 10.71
C THR D 102 26.26 -12.91 11.94
N ILE D 103 26.62 -13.62 13.01
CA ILE D 103 25.80 -13.70 14.25
C ILE D 103 25.86 -12.32 14.93
N GLU D 104 27.04 -11.69 14.95
CA GLU D 104 27.25 -10.32 15.51
C GLU D 104 26.27 -9.38 14.81
N ASN D 105 26.00 -9.64 13.53
CA ASN D 105 24.91 -8.97 12.78
C ASN D 105 23.60 -9.27 13.49
N VAL D 106 23.24 -10.55 13.60
CA VAL D 106 21.91 -10.97 14.14
C VAL D 106 21.73 -10.32 15.50
N LYS D 107 22.68 -10.49 16.41
CA LYS D 107 22.57 -10.01 17.81
C LYS D 107 22.25 -8.51 17.82
N ALA D 108 22.87 -7.75 16.91
CA ALA D 108 22.73 -6.27 16.76
C ALA D 108 21.29 -5.91 16.39
N LYS D 109 20.58 -6.83 15.75
CA LYS D 109 19.15 -6.66 15.36
C LYS D 109 18.28 -6.95 16.58
N ILE D 110 18.67 -7.93 17.41
CA ILE D 110 17.96 -8.26 18.67
C ILE D 110 18.05 -7.05 19.61
N GLN D 111 19.26 -6.49 19.72
CA GLN D 111 19.53 -5.23 20.45
C GLN D 111 18.47 -4.20 20.01
N ASP D 112 18.33 -4.01 18.69
CA ASP D 112 17.55 -2.89 18.08
C ASP D 112 16.08 -2.99 18.49
N LYS D 113 15.61 -4.20 18.82
CA LYS D 113 14.18 -4.47 19.14
C LYS D 113 13.98 -4.58 20.66
N GLU D 114 14.87 -5.23 21.40
CA GLU D 114 14.69 -5.46 22.86
C GLU D 114 15.54 -4.50 23.69
N GLY D 115 16.53 -3.84 23.07
CA GLY D 115 17.30 -2.72 23.66
C GLY D 115 18.53 -3.18 24.44
N ILE D 116 18.95 -4.43 24.29
CA ILE D 116 19.98 -5.08 25.16
C ILE D 116 21.23 -5.33 24.33
N PRO D 117 22.46 -5.12 24.87
CA PRO D 117 23.66 -5.12 24.05
C PRO D 117 24.17 -6.52 23.71
N PRO D 118 24.82 -6.72 22.53
CA PRO D 118 25.33 -8.02 22.10
C PRO D 118 26.56 -8.52 22.88
N ASP D 119 27.11 -7.73 23.80
CA ASP D 119 28.09 -8.24 24.79
C ASP D 119 27.36 -9.23 25.71
N GLN D 120 26.29 -8.76 26.38
CA GLN D 120 25.53 -9.49 27.41
C GLN D 120 24.38 -10.26 26.76
N GLN D 121 24.67 -10.96 25.66
CA GLN D 121 23.73 -11.86 24.93
C GLN D 121 24.47 -13.16 24.60
N ARG D 122 23.71 -14.22 24.34
CA ARG D 122 24.18 -15.53 23.81
C ARG D 122 23.02 -16.19 23.07
N LEU D 123 23.27 -16.78 21.90
CA LEU D 123 22.26 -17.54 21.13
C LEU D 123 22.59 -19.03 21.21
N ILE D 124 21.57 -19.86 21.35
CA ILE D 124 21.68 -21.35 21.36
C ILE D 124 20.63 -21.92 20.40
N PHE D 125 20.95 -23.01 19.71
CA PHE D 125 20.03 -23.68 18.75
C PHE D 125 20.07 -25.21 18.95
N ALA D 126 18.87 -25.80 19.13
CA ALA D 126 18.60 -27.26 19.14
C ALA D 126 19.68 -27.96 19.97
N GLY D 127 19.83 -27.54 21.23
CA GLY D 127 20.78 -28.13 22.18
C GLY D 127 22.01 -27.26 22.42
N LYS D 128 22.77 -26.90 21.38
CA LYS D 128 24.20 -26.49 21.55
C LYS D 128 24.48 -25.04 21.14
N GLN D 129 25.59 -24.52 21.69
CA GLN D 129 25.95 -23.09 21.87
C GLN D 129 26.45 -22.49 20.53
N LEU D 130 25.94 -21.31 20.14
CA LEU D 130 26.44 -20.54 18.96
C LEU D 130 27.58 -19.60 19.40
N GLU D 131 28.76 -19.68 18.78
CA GLU D 131 29.87 -18.68 18.89
C GLU D 131 30.01 -17.94 17.55
N ASP D 132 30.60 -16.74 17.57
CA ASP D 132 30.34 -15.72 16.54
C ASP D 132 31.39 -15.73 15.42
N GLY D 133 31.34 -14.71 14.55
CA GLY D 133 32.05 -14.63 13.26
C GLY D 133 31.35 -15.49 12.23
N ARG D 134 31.02 -16.73 12.63
CA ARG D 134 30.43 -17.79 11.77
C ARG D 134 29.07 -17.32 11.28
N THR D 135 28.72 -17.68 10.06
CA THR D 135 27.46 -17.25 9.41
C THR D 135 26.34 -18.19 9.81
N LEU D 136 25.12 -17.83 9.42
CA LEU D 136 23.91 -18.67 9.60
C LEU D 136 24.07 -19.93 8.76
N SER D 137 24.36 -19.79 7.46
CA SER D 137 24.57 -20.97 6.57
C SER D 137 25.57 -21.93 7.23
N ASP D 138 26.53 -21.41 8.00
CA ASP D 138 27.65 -22.21 8.58
C ASP D 138 27.16 -23.02 9.79
N TYR D 139 26.05 -22.64 10.42
CA TYR D 139 25.40 -23.41 11.52
C TYR D 139 24.16 -24.14 11.01
N ASN D 140 23.95 -24.14 9.68
CA ASN D 140 22.93 -24.98 8.98
C ASN D 140 21.51 -24.49 9.31
N ILE D 141 21.34 -23.19 9.61
CA ILE D 141 20.07 -22.57 10.07
C ILE D 141 19.10 -22.52 8.88
N GLN D 142 18.05 -23.32 8.95
CA GLN D 142 16.94 -23.31 7.96
C GLN D 142 16.20 -21.97 8.11
N LYS D 143 15.26 -21.67 7.19
CA LYS D 143 14.28 -20.56 7.32
C LYS D 143 13.11 -21.01 8.19
N GLU D 144 12.57 -20.10 9.02
CA GLU D 144 11.52 -20.42 10.02
C GLU D 144 12.04 -21.50 10.97
N SER D 145 13.33 -21.44 11.32
CA SER D 145 13.94 -22.21 12.43
C SER D 145 14.14 -21.26 13.61
N THR D 146 14.05 -21.77 14.83
CA THR D 146 13.93 -20.94 16.07
C THR D 146 15.14 -21.14 16.96
N LEU D 147 15.62 -20.02 17.51
CA LEU D 147 16.75 -19.92 18.47
C LEU D 147 16.19 -19.67 19.86
N HIS D 148 16.85 -20.19 20.88
CA HIS D 148 16.63 -19.81 22.30
C HIS D 148 17.72 -18.79 22.65
N LEU D 149 17.46 -17.89 23.60
CA LEU D 149 18.44 -16.83 23.96
C LEU D 149 18.55 -16.72 25.48
N VAL D 150 19.75 -16.34 25.96
CA VAL D 150 20.10 -16.21 27.39
C VAL D 150 21.26 -15.22 27.58
N LEU D 151 21.53 -14.82 28.82
CA LEU D 151 22.25 -13.55 29.16
C LEU D 151 23.55 -13.80 29.97
N ARG D 152 24.46 -12.82 29.86
CA ARG D 152 25.88 -12.82 30.30
C ARG D 152 26.17 -11.58 31.17
N LEU D 153 27.39 -11.45 31.70
CA LEU D 153 27.84 -10.40 32.67
C LEU D 153 29.12 -9.72 32.18
N ARG D 154 29.36 -8.49 32.65
CA ARG D 154 30.52 -7.63 32.31
C ARG D 154 30.19 -6.86 31.02
N ARG E 9 -21.16 50.63 -25.35
CA ARG E 9 -22.23 49.89 -24.65
C ARG E 9 -22.34 48.52 -25.30
N TRP E 10 -21.73 47.49 -24.70
CA TRP E 10 -21.63 46.12 -25.26
C TRP E 10 -21.90 45.08 -24.17
N ALA E 11 -22.43 43.91 -24.56
CA ALA E 11 -22.74 42.76 -23.68
C ALA E 11 -21.68 41.67 -23.83
N CYS E 12 -20.84 41.52 -22.80
CA CYS E 12 -19.79 40.48 -22.68
C CYS E 12 -20.41 39.13 -22.95
N GLN E 13 -20.05 38.49 -24.06
CA GLN E 13 -20.70 37.25 -24.56
C GLN E 13 -20.18 36.07 -23.75
N SER E 14 -20.01 36.30 -22.44
CA SER E 14 -19.69 35.28 -21.42
C SER E 14 -20.77 35.30 -20.34
N CYS E 15 -21.05 36.48 -19.74
CA CYS E 15 -22.05 36.72 -18.65
C CYS E 15 -23.17 37.66 -19.11
N THR E 16 -23.20 38.04 -20.40
CA THR E 16 -24.22 38.93 -21.04
C THR E 16 -24.62 40.05 -20.08
N PHE E 17 -23.71 41.01 -19.85
CA PHE E 17 -23.91 42.19 -18.99
C PHE E 17 -23.74 43.44 -19.84
N GLU E 18 -24.71 44.37 -19.79
CA GLU E 18 -24.66 45.65 -20.53
C GLU E 18 -23.50 46.48 -19.96
N ASN E 19 -22.35 46.44 -20.65
CA ASN E 19 -21.07 47.07 -20.22
C ASN E 19 -20.84 48.37 -21.01
N GLU E 20 -20.07 49.31 -20.45
CA GLU E 20 -19.70 50.61 -21.08
C GLU E 20 -18.67 50.38 -22.19
N ALA E 21 -18.80 51.08 -23.34
CA ALA E 21 -17.88 50.97 -24.50
C ALA E 21 -16.48 51.41 -24.06
N ALA E 22 -16.41 52.28 -23.05
CA ALA E 22 -15.16 52.79 -22.42
C ALA E 22 -14.33 51.63 -21.85
N ALA E 23 -14.97 50.63 -21.23
CA ALA E 23 -14.30 49.46 -20.60
C ALA E 23 -13.81 48.49 -21.67
N VAL E 24 -12.54 48.07 -21.59
CA VAL E 24 -11.87 47.09 -22.51
C VAL E 24 -12.16 45.67 -22.02
N LEU E 25 -12.33 45.52 -20.70
CA LEU E 25 -12.65 44.24 -20.02
C LEU E 25 -14.07 44.31 -19.45
N CYS E 26 -14.55 43.18 -18.92
CA CYS E 26 -15.87 43.08 -18.25
C CYS E 26 -15.72 43.60 -16.82
N SER E 27 -16.83 44.10 -16.27
CA SER E 27 -16.97 44.57 -14.87
C SER E 27 -17.16 43.37 -13.93
N ILE E 28 -17.17 42.14 -14.47
CA ILE E 28 -17.46 40.88 -13.74
C ILE E 28 -16.45 39.79 -14.11
N CYS E 29 -16.20 39.60 -15.41
CA CYS E 29 -15.48 38.44 -15.99
C CYS E 29 -14.00 38.70 -16.23
N GLU E 30 -13.58 39.97 -16.23
CA GLU E 30 -12.21 40.34 -16.67
C GLU E 30 -12.00 39.69 -18.04
N ARG E 31 -13.00 39.81 -18.92
CA ARG E 31 -13.02 39.12 -20.23
C ARG E 31 -13.12 40.16 -21.33
N PRO E 32 -12.35 39.98 -22.43
CA PRO E 32 -12.24 41.01 -23.46
C PRO E 32 -13.51 41.22 -24.30
N ARG E 33 -13.44 42.18 -25.23
CA ARG E 33 -14.50 42.55 -26.19
C ARG E 33 -14.83 41.32 -27.05
N LEU E 34 -13.89 40.92 -27.91
CA LEU E 34 -14.16 39.96 -29.01
C LEU E 34 -14.19 38.52 -28.48
N ALA E 35 -13.82 38.31 -27.22
CA ALA E 35 -14.08 37.05 -26.46
C ALA E 35 -13.40 37.13 -25.10
ZN ZN F . -18.92 39.50 -18.37
#